data_1KP9
#
_entry.id   1KP9
#
_cell.length_a   50.342
_cell.length_b   73.812
_cell.length_c   76.043
_cell.angle_alpha   90.00
_cell.angle_beta   107.07
_cell.angle_gamma   90.00
#
_symmetry.space_group_name_H-M   'P 1 21 1'
#
loop_
_entity.id
_entity.type
_entity.pdbx_description
1 polymer 'CYCLOPROPANE-FATTY-ACYL-PHOSPHOLIPID SYNTHASE 1'
2 non-polymer 'ACETIC ACID'
3 water water
#
_entity_poly.entity_id   1
_entity_poly.type   'polypeptide(L)'
_entity_poly.pdbx_seq_one_letter_code
;MPDELKPHFANVQAHYDLSDDFFRLFLDPTQTYSCAYFERDDMTLQEAQIAKIDLALGKLGLQPGMTLLDVGCGWGATMM
RAVEKYDVNVVGLTLSKNQANHVQQLVANSENLRSKRVLLAGWEQFDEPVDRIVSIGAFEHFGHERYDAFFSLAHRLLPA
DGVMLLHTITGLHPKEIHERGLPMSFTFARFLKFIVTEIFPGGRLPSIPMVQECASANGFTVTRVQSLQPHYAKTLDLWS
AALQANKGQAIALQSEEVYERYMKYLTGCAEMFRIGYIDVNQFTCQK
;
_entity_poly.pdbx_strand_id   A,B
#
# COMPACT_ATOMS: atom_id res chain seq x y z
N LEU A 18 -25.22 -7.83 -3.72
CA LEU A 18 -26.17 -7.02 -2.88
C LEU A 18 -26.64 -5.73 -3.55
N SER A 19 -27.87 -5.79 -4.06
CA SER A 19 -28.49 -4.65 -4.72
C SER A 19 -28.42 -3.39 -3.88
N ASP A 20 -28.46 -2.23 -4.54
CA ASP A 20 -28.45 -0.96 -3.85
C ASP A 20 -29.76 -0.85 -3.08
N ASP A 21 -30.76 -1.61 -3.55
CA ASP A 21 -32.08 -1.60 -2.92
C ASP A 21 -32.01 -2.18 -1.51
N PHE A 22 -31.14 -3.16 -1.33
CA PHE A 22 -30.99 -3.78 -0.04
C PHE A 22 -30.52 -2.74 0.98
N PHE A 23 -29.47 -2.01 0.63
CA PHE A 23 -28.93 -1.00 1.55
C PHE A 23 -29.92 0.12 1.78
N ARG A 24 -30.72 0.44 0.77
CA ARG A 24 -31.69 1.50 0.94
C ARG A 24 -32.73 1.13 2.00
N LEU A 25 -32.77 -0.13 2.40
CA LEU A 25 -33.71 -0.55 3.41
C LEU A 25 -33.34 -0.04 4.80
N PHE A 26 -32.05 0.24 5.02
CA PHE A 26 -31.64 0.70 6.34
C PHE A 26 -30.86 1.99 6.37
N LEU A 27 -30.40 2.46 5.23
CA LEU A 27 -29.66 3.71 5.20
C LEU A 27 -30.69 4.85 5.20
N ASP A 28 -30.24 6.06 5.50
CA ASP A 28 -31.12 7.21 5.50
C ASP A 28 -31.35 7.61 4.04
N PRO A 29 -32.28 8.54 3.79
CA PRO A 29 -32.58 8.99 2.42
C PRO A 29 -31.38 9.39 1.55
N THR A 30 -30.31 9.90 2.17
CA THR A 30 -29.14 10.31 1.39
C THR A 30 -28.27 9.09 1.05
N GLN A 31 -28.65 7.94 1.57
CA GLN A 31 -27.92 6.71 1.33
C GLN A 31 -26.46 6.79 1.74
N THR A 32 -26.19 7.51 2.84
CA THR A 32 -24.83 7.65 3.36
C THR A 32 -24.42 6.38 4.10
N TYR A 33 -23.47 5.64 3.53
CA TYR A 33 -23.00 4.41 4.14
C TYR A 33 -21.69 4.65 4.90
N SER A 34 -21.75 5.55 5.88
CA SER A 34 -20.60 5.88 6.69
C SER A 34 -21.05 6.48 8.02
N CYS A 35 -20.10 6.68 8.93
CA CYS A 35 -20.40 7.22 10.25
C CYS A 35 -21.19 8.52 10.23
N ALA A 36 -22.31 8.53 10.94
CA ALA A 36 -23.15 9.72 11.05
C ALA A 36 -22.60 10.54 12.21
N TYR A 37 -22.90 11.83 12.25
CA TYR A 37 -22.39 12.68 13.32
C TYR A 37 -23.52 13.32 14.15
N PHE A 38 -23.82 12.68 15.27
CA PHE A 38 -24.87 13.17 16.16
C PHE A 38 -24.39 14.35 16.98
N GLU A 39 -24.26 15.51 16.32
CA GLU A 39 -23.83 16.74 16.99
C GLU A 39 -24.80 16.99 18.13
N ARG A 40 -26.02 16.49 17.97
CA ARG A 40 -27.08 16.59 18.96
C ARG A 40 -27.58 15.17 19.15
N ASP A 41 -27.79 14.78 20.40
CA ASP A 41 -28.27 13.43 20.70
C ASP A 41 -29.65 13.19 20.10
N ASP A 42 -30.40 14.28 19.93
CA ASP A 42 -31.76 14.25 19.39
C ASP A 42 -31.83 14.23 17.85
N MET A 43 -30.69 14.08 17.19
CA MET A 43 -30.68 14.06 15.74
C MET A 43 -31.11 12.73 15.17
N THR A 44 -31.67 12.79 13.96
CA THR A 44 -32.10 11.60 13.24
C THR A 44 -30.90 11.11 12.43
N LEU A 45 -30.93 9.85 12.02
CA LEU A 45 -29.83 9.32 11.23
C LEU A 45 -29.51 10.27 10.09
N GLN A 46 -30.54 10.76 9.40
CA GLN A 46 -30.31 11.69 8.30
C GLN A 46 -29.69 13.02 8.72
N GLU A 47 -30.16 13.58 9.83
CA GLU A 47 -29.61 14.85 10.27
C GLU A 47 -28.17 14.65 10.70
N ALA A 48 -27.87 13.50 11.28
CA ALA A 48 -26.51 13.20 11.71
C ALA A 48 -25.58 13.07 10.51
N GLN A 49 -26.10 12.52 9.42
CA GLN A 49 -25.31 12.35 8.21
C GLN A 49 -25.03 13.71 7.59
N ILE A 50 -26.00 14.61 7.72
CA ILE A 50 -25.83 15.97 7.21
C ILE A 50 -24.75 16.64 8.04
N ALA A 51 -24.90 16.58 9.36
CA ALA A 51 -23.95 17.20 10.27
C ALA A 51 -22.55 16.65 10.04
N LYS A 52 -22.46 15.35 9.74
CA LYS A 52 -21.18 14.72 9.49
C LYS A 52 -20.56 15.36 8.28
N ILE A 53 -21.35 15.48 7.23
CA ILE A 53 -20.88 16.11 6.01
C ILE A 53 -20.45 17.55 6.29
N ASP A 54 -21.25 18.27 7.08
CA ASP A 54 -20.91 19.65 7.43
C ASP A 54 -19.63 19.67 8.26
N LEU A 55 -19.50 18.73 9.17
CA LEU A 55 -18.31 18.65 10.02
C LEU A 55 -17.11 18.60 9.11
N ALA A 56 -17.18 17.71 8.12
CA ALA A 56 -16.09 17.57 7.17
C ALA A 56 -15.84 18.88 6.43
N LEU A 57 -16.83 19.31 5.66
CA LEU A 57 -16.77 20.56 4.88
C LEU A 57 -16.39 21.80 5.68
N GLY A 58 -16.98 21.94 6.87
CA GLY A 58 -16.68 23.09 7.71
C GLY A 58 -15.22 23.18 8.11
N LYS A 59 -14.41 22.21 7.69
CA LYS A 59 -13.00 22.18 8.04
C LYS A 59 -12.07 22.55 6.87
N LEU A 60 -12.63 22.70 5.68
CA LEU A 60 -11.82 23.01 4.51
C LEU A 60 -11.59 24.49 4.21
N GLY A 61 -12.24 25.36 4.97
CA GLY A 61 -12.08 26.78 4.71
C GLY A 61 -12.43 27.08 3.25
N LEU A 62 -13.59 26.58 2.81
CA LEU A 62 -14.06 26.78 1.45
C LEU A 62 -14.52 28.21 1.20
N GLN A 63 -14.08 28.77 0.08
CA GLN A 63 -14.44 30.12 -0.31
C GLN A 63 -15.21 30.10 -1.62
N PRO A 64 -16.25 30.93 -1.75
CA PRO A 64 -17.07 30.98 -2.97
C PRO A 64 -16.20 31.01 -4.22
N GLY A 65 -16.49 30.12 -5.17
CA GLY A 65 -15.72 30.09 -6.39
C GLY A 65 -14.68 28.96 -6.42
N MET A 66 -14.30 28.48 -5.24
CA MET A 66 -13.33 27.40 -5.16
C MET A 66 -13.90 26.11 -5.75
N THR A 67 -13.02 25.25 -6.22
CA THR A 67 -13.44 23.96 -6.79
C THR A 67 -13.13 22.85 -5.79
N LEU A 68 -14.18 22.13 -5.37
CA LEU A 68 -14.02 21.04 -4.42
C LEU A 68 -14.08 19.68 -5.09
N LEU A 69 -13.16 18.80 -4.67
CA LEU A 69 -13.11 17.45 -5.19
C LEU A 69 -13.60 16.50 -4.13
N ASP A 70 -14.63 15.74 -4.45
CA ASP A 70 -15.17 14.75 -3.52
C ASP A 70 -14.75 13.38 -4.04
N VAL A 71 -13.74 12.80 -3.40
CA VAL A 71 -13.23 11.48 -3.79
C VAL A 71 -14.15 10.41 -3.19
N GLY A 72 -14.99 9.82 -4.01
CA GLY A 72 -15.93 8.82 -3.51
C GLY A 72 -17.19 9.57 -3.13
N CYS A 73 -17.75 10.29 -4.10
CA CYS A 73 -18.94 11.11 -3.88
C CYS A 73 -20.21 10.38 -3.43
N GLY A 74 -20.26 9.07 -3.63
CA GLY A 74 -21.43 8.32 -3.23
C GLY A 74 -22.67 8.80 -3.96
N TRP A 75 -23.81 8.82 -3.28
CA TRP A 75 -25.03 9.28 -3.96
C TRP A 75 -25.14 10.78 -4.08
N GLY A 76 -24.00 11.44 -3.90
CA GLY A 76 -23.91 12.89 -4.06
C GLY A 76 -24.30 13.87 -2.97
N ALA A 77 -24.70 13.40 -1.79
CA ALA A 77 -25.12 14.33 -0.74
C ALA A 77 -24.08 15.39 -0.38
N THR A 78 -22.81 14.99 -0.34
CA THR A 78 -21.72 15.88 0.02
C THR A 78 -21.54 17.02 -0.97
N MET A 79 -21.48 16.68 -2.24
CA MET A 79 -21.31 17.66 -3.31
C MET A 79 -22.38 18.73 -3.21
N MET A 80 -23.63 18.30 -3.28
CA MET A 80 -24.76 19.23 -3.22
C MET A 80 -24.72 20.12 -2.00
N ARG A 81 -24.34 19.55 -0.86
CA ARG A 81 -24.28 20.32 0.37
C ARG A 81 -23.21 21.40 0.26
N ALA A 82 -22.10 21.09 -0.39
CA ALA A 82 -21.00 22.05 -0.56
C ALA A 82 -21.43 23.22 -1.44
N VAL A 83 -22.09 22.92 -2.55
CA VAL A 83 -22.57 23.94 -3.46
C VAL A 83 -23.55 24.85 -2.73
N GLU A 84 -24.45 24.22 -1.97
CA GLU A 84 -25.48 24.92 -1.21
C GLU A 84 -24.97 25.83 -0.09
N LYS A 85 -24.12 25.30 0.80
CA LYS A 85 -23.64 26.11 1.91
C LYS A 85 -22.30 26.82 1.72
N TYR A 86 -21.58 26.49 0.66
CA TYR A 86 -20.28 27.14 0.42
C TYR A 86 -20.14 27.71 -0.98
N ASP A 87 -21.22 27.62 -1.75
CA ASP A 87 -21.25 28.15 -3.10
C ASP A 87 -19.92 27.94 -3.83
N VAL A 88 -19.60 26.69 -4.10
CA VAL A 88 -18.35 26.37 -4.79
C VAL A 88 -18.64 25.42 -5.93
N ASN A 89 -17.71 25.33 -6.89
CA ASN A 89 -17.86 24.40 -7.99
C ASN A 89 -17.54 23.06 -7.34
N VAL A 90 -17.92 21.96 -7.98
CA VAL A 90 -17.64 20.66 -7.39
C VAL A 90 -17.47 19.53 -8.40
N VAL A 91 -16.44 18.71 -8.17
CA VAL A 91 -16.18 17.56 -9.03
C VAL A 91 -16.22 16.32 -8.13
N GLY A 92 -17.06 15.35 -8.51
CA GLY A 92 -17.20 14.14 -7.73
C GLY A 92 -16.80 12.88 -8.49
N LEU A 93 -16.15 11.97 -7.78
CA LEU A 93 -15.66 10.72 -8.36
C LEU A 93 -16.31 9.52 -7.68
N THR A 94 -16.64 8.51 -8.46
CA THR A 94 -17.26 7.30 -7.92
C THR A 94 -17.03 6.16 -8.90
N LEU A 95 -16.97 4.93 -8.37
CA LEU A 95 -16.79 3.74 -9.18
C LEU A 95 -18.14 3.03 -9.32
N SER A 96 -19.22 3.71 -8.96
CA SER A 96 -20.57 3.17 -9.02
C SER A 96 -21.38 3.75 -10.19
N LYS A 97 -21.73 2.90 -11.15
CA LYS A 97 -22.53 3.34 -12.31
C LYS A 97 -23.80 4.02 -11.80
N ASN A 98 -24.51 3.34 -10.91
CA ASN A 98 -25.75 3.84 -10.33
C ASN A 98 -25.60 5.19 -9.62
N GLN A 99 -24.54 5.36 -8.84
CA GLN A 99 -24.33 6.63 -8.13
C GLN A 99 -24.06 7.75 -9.12
N ALA A 100 -23.28 7.46 -10.15
CA ALA A 100 -22.94 8.48 -11.15
C ALA A 100 -24.20 8.86 -11.88
N ASN A 101 -24.91 7.85 -12.38
CA ASN A 101 -26.17 8.04 -13.07
C ASN A 101 -27.00 9.01 -12.23
N HIS A 102 -27.27 8.60 -10.99
CA HIS A 102 -28.06 9.37 -10.04
C HIS A 102 -27.62 10.81 -9.90
N VAL A 103 -26.36 11.04 -9.55
CA VAL A 103 -25.90 12.40 -9.39
C VAL A 103 -25.94 13.16 -10.72
N GLN A 104 -25.59 12.49 -11.81
CA GLN A 104 -25.61 13.15 -13.13
C GLN A 104 -27.00 13.68 -13.43
N GLN A 105 -28.04 12.90 -13.12
CA GLN A 105 -29.43 13.33 -13.35
C GLN A 105 -29.75 14.52 -12.46
N LEU A 106 -29.34 14.44 -11.21
CA LEU A 106 -29.57 15.49 -10.24
C LEU A 106 -28.93 16.80 -10.70
N VAL A 107 -27.78 16.69 -11.35
CA VAL A 107 -27.00 17.83 -11.82
C VAL A 107 -27.45 18.41 -13.17
N ALA A 108 -28.16 17.62 -13.96
CA ALA A 108 -28.61 18.08 -15.27
C ALA A 108 -29.35 19.41 -15.20
N ASN A 109 -29.17 20.22 -16.25
CA ASN A 109 -29.82 21.52 -16.36
C ASN A 109 -29.53 22.43 -15.18
N SER A 110 -28.28 22.47 -14.76
CA SER A 110 -27.91 23.30 -13.63
C SER A 110 -27.75 24.75 -14.06
N GLU A 111 -28.65 25.60 -13.57
CA GLU A 111 -28.61 27.00 -13.87
C GLU A 111 -27.55 27.61 -12.96
N ASN A 112 -27.44 27.05 -11.76
CA ASN A 112 -26.48 27.51 -10.76
C ASN A 112 -25.18 27.94 -11.42
N LEU A 113 -24.73 29.14 -11.05
CA LEU A 113 -23.50 29.72 -11.59
C LEU A 113 -22.26 29.06 -10.99
N ARG A 114 -22.40 27.78 -10.67
CA ARG A 114 -21.34 26.95 -10.09
C ARG A 114 -21.32 25.59 -10.79
N SER A 115 -20.17 25.23 -11.36
CA SER A 115 -19.99 23.96 -12.05
C SER A 115 -20.13 22.75 -11.14
N LYS A 116 -20.88 21.75 -11.60
CA LYS A 116 -21.10 20.51 -10.86
C LYS A 116 -20.82 19.35 -11.81
N ARG A 117 -19.74 18.62 -11.56
CA ARG A 117 -19.39 17.51 -12.44
C ARG A 117 -19.19 16.18 -11.71
N VAL A 118 -19.73 15.10 -12.27
CA VAL A 118 -19.57 13.77 -11.69
C VAL A 118 -18.78 12.90 -12.65
N LEU A 119 -17.81 12.18 -12.09
CA LEU A 119 -16.95 11.32 -12.88
C LEU A 119 -16.92 9.87 -12.40
N LEU A 120 -17.07 8.95 -13.34
CA LEU A 120 -17.04 7.54 -13.01
C LEU A 120 -15.59 7.07 -13.18
N ALA A 121 -14.71 7.57 -12.32
CA ALA A 121 -13.31 7.20 -12.37
C ALA A 121 -12.76 7.05 -10.96
N GLY A 122 -11.55 6.52 -10.85
CA GLY A 122 -10.94 6.35 -9.54
C GLY A 122 -10.07 7.55 -9.26
N TRP A 123 -9.76 7.81 -7.99
CA TRP A 123 -8.93 8.96 -7.66
C TRP A 123 -7.57 8.86 -8.38
N GLU A 124 -7.09 7.64 -8.62
CA GLU A 124 -5.82 7.46 -9.29
C GLU A 124 -5.87 7.82 -10.78
N GLN A 125 -7.00 8.33 -11.25
CA GLN A 125 -7.12 8.68 -12.65
C GLN A 125 -7.56 10.14 -12.82
N PHE A 126 -7.58 10.87 -11.72
CA PHE A 126 -7.99 12.27 -11.75
C PHE A 126 -6.74 13.15 -11.82
N ASP A 127 -6.76 14.14 -12.70
CA ASP A 127 -5.60 15.02 -12.87
C ASP A 127 -6.04 16.47 -13.12
N GLU A 128 -6.67 17.09 -12.14
CA GLU A 128 -7.13 18.47 -12.30
C GLU A 128 -6.82 19.39 -11.14
N PRO A 129 -6.55 20.66 -11.45
CA PRO A 129 -6.24 21.65 -10.41
C PRO A 129 -7.47 21.79 -9.54
N VAL A 130 -7.31 21.54 -8.24
CA VAL A 130 -8.43 21.67 -7.34
C VAL A 130 -8.01 22.47 -6.11
N ASP A 131 -8.96 23.15 -5.49
CA ASP A 131 -8.68 23.99 -4.34
C ASP A 131 -8.79 23.30 -2.98
N ARG A 132 -9.68 22.31 -2.89
CA ARG A 132 -9.87 21.60 -1.64
C ARG A 132 -10.31 20.18 -1.94
N ILE A 133 -9.89 19.24 -1.11
CA ILE A 133 -10.27 17.85 -1.32
C ILE A 133 -10.92 17.25 -0.09
N VAL A 134 -11.97 16.48 -0.33
CA VAL A 134 -12.68 15.82 0.76
C VAL A 134 -12.87 14.36 0.37
N SER A 135 -12.67 13.48 1.34
CA SER A 135 -12.82 12.06 1.09
C SER A 135 -13.47 11.36 2.26
N ILE A 136 -14.74 11.03 2.11
CA ILE A 136 -15.48 10.32 3.15
C ILE A 136 -15.71 8.90 2.67
N GLY A 137 -15.04 7.95 3.31
CA GLY A 137 -15.15 6.56 2.90
C GLY A 137 -16.51 5.92 3.12
N ALA A 138 -16.71 4.79 2.45
CA ALA A 138 -17.95 4.03 2.57
C ALA A 138 -17.59 2.85 3.46
N PHE A 139 -18.51 2.47 4.33
CA PHE A 139 -18.26 1.39 5.27
C PHE A 139 -17.44 0.20 4.79
N GLU A 140 -18.12 -0.85 4.33
CA GLU A 140 -17.46 -2.08 3.88
C GLU A 140 -16.35 -1.95 2.82
N HIS A 141 -15.99 -0.72 2.45
CA HIS A 141 -14.95 -0.50 1.44
C HIS A 141 -13.61 -0.22 2.12
N PHE A 142 -12.91 -1.30 2.45
CA PHE A 142 -11.61 -1.21 3.12
C PHE A 142 -10.53 -1.61 2.15
N GLY A 143 -9.50 -0.79 2.06
CA GLY A 143 -8.39 -1.07 1.15
C GLY A 143 -7.48 0.13 1.18
N HIS A 144 -6.93 0.38 2.37
CA HIS A 144 -6.05 1.50 2.62
C HIS A 144 -4.58 1.10 2.50
N GLU A 145 -4.16 0.76 1.28
CA GLU A 145 -2.78 0.32 1.03
C GLU A 145 -2.07 1.13 -0.05
N ARG A 146 -2.68 2.24 -0.42
CA ARG A 146 -2.12 3.14 -1.42
C ARG A 146 -2.28 4.57 -0.95
N TYR A 147 -2.23 4.75 0.37
CA TYR A 147 -2.35 6.07 0.98
C TYR A 147 -1.18 6.97 0.62
N ASP A 148 0.00 6.38 0.46
CA ASP A 148 1.19 7.16 0.14
C ASP A 148 1.02 7.85 -1.22
N ALA A 149 0.67 7.08 -2.23
CA ALA A 149 0.47 7.62 -3.57
C ALA A 149 -0.66 8.63 -3.57
N PHE A 150 -1.66 8.37 -2.72
CA PHE A 150 -2.83 9.21 -2.60
C PHE A 150 -2.49 10.64 -2.19
N PHE A 151 -1.67 10.81 -1.17
CA PHE A 151 -1.29 12.14 -0.75
C PHE A 151 -0.43 12.81 -1.81
N SER A 152 0.40 12.03 -2.48
CA SER A 152 1.26 12.56 -3.52
C SER A 152 0.35 13.23 -4.55
N LEU A 153 -0.80 12.60 -4.80
CA LEU A 153 -1.76 13.15 -5.74
C LEU A 153 -2.51 14.33 -5.12
N ALA A 154 -2.82 14.22 -3.84
CA ALA A 154 -3.51 15.30 -3.14
C ALA A 154 -2.64 16.54 -3.21
N HIS A 155 -1.33 16.35 -2.99
CA HIS A 155 -0.35 17.42 -3.03
C HIS A 155 -0.23 17.99 -4.44
N ARG A 156 -0.07 17.09 -5.39
CA ARG A 156 0.07 17.42 -6.80
C ARG A 156 -1.17 18.05 -7.42
N LEU A 157 -2.21 18.30 -6.62
CA LEU A 157 -3.43 18.89 -7.16
C LEU A 157 -3.93 20.09 -6.38
N LEU A 158 -3.58 20.14 -5.09
CA LEU A 158 -4.03 21.23 -4.22
C LEU A 158 -3.16 22.48 -4.31
N PRO A 159 -3.76 23.65 -4.05
CA PRO A 159 -3.04 24.93 -4.09
C PRO A 159 -2.00 24.95 -2.96
N ALA A 160 -1.04 25.87 -3.05
CA ALA A 160 0.01 25.98 -2.05
C ALA A 160 -0.50 25.92 -0.61
N ASP A 161 -1.76 26.32 -0.41
CA ASP A 161 -2.35 26.31 0.93
C ASP A 161 -3.57 25.40 0.87
N GLY A 162 -3.55 24.46 -0.05
CA GLY A 162 -4.65 23.53 -0.21
C GLY A 162 -4.88 22.72 1.06
N VAL A 163 -6.14 22.33 1.28
CA VAL A 163 -6.52 21.55 2.44
C VAL A 163 -7.34 20.35 2.01
N MET A 164 -7.16 19.24 2.72
CA MET A 164 -7.90 18.03 2.42
C MET A 164 -8.37 17.38 3.69
N LEU A 165 -9.59 16.86 3.66
CA LEU A 165 -10.12 16.18 4.82
C LEU A 165 -10.38 14.73 4.45
N LEU A 166 -9.88 13.82 5.29
CA LEU A 166 -10.05 12.39 5.07
C LEU A 166 -10.80 11.78 6.24
N HIS A 167 -12.00 11.28 5.94
CA HIS A 167 -12.86 10.65 6.92
C HIS A 167 -12.71 9.15 6.65
N THR A 168 -12.06 8.44 7.56
CA THR A 168 -11.82 7.02 7.37
C THR A 168 -11.87 6.24 8.66
N ILE A 169 -12.09 4.94 8.53
CA ILE A 169 -12.09 4.09 9.69
C ILE A 169 -10.62 3.73 9.86
N THR A 170 -10.15 3.72 11.09
CA THR A 170 -8.76 3.38 11.34
C THR A 170 -8.69 2.27 12.36
N GLY A 171 -7.56 1.58 12.40
CA GLY A 171 -7.37 0.52 13.36
C GLY A 171 -6.28 0.94 14.31
N LEU A 172 -6.13 0.22 15.42
CA LEU A 172 -5.12 0.55 16.40
C LEU A 172 -3.70 0.11 16.04
N HIS A 173 -2.79 1.08 16.07
CA HIS A 173 -1.36 0.87 15.79
C HIS A 173 -0.84 0.09 17.01
N PRO A 174 0.07 -0.88 16.78
CA PRO A 174 0.64 -1.68 17.86
C PRO A 174 1.04 -0.90 19.11
N LYS A 175 1.69 0.25 18.89
CA LYS A 175 2.15 1.10 19.98
C LYS A 175 1.13 2.22 20.24
N GLU A 176 -0.09 2.06 19.74
CA GLU A 176 -1.13 3.09 19.89
C GLU A 176 -2.24 2.83 20.91
N ILE A 177 -2.53 1.56 21.19
CA ILE A 177 -3.59 1.17 22.13
C ILE A 177 -3.61 2.01 23.42
N HIS A 178 -3.58 1.31 24.57
CA HIS A 178 -3.53 1.93 25.90
C HIS A 178 -4.81 2.30 26.68
N GLU A 179 -4.72 2.11 28.00
CA GLU A 179 -5.75 2.42 29.00
C GLU A 179 -7.20 2.04 28.70
N ARG A 180 -7.43 0.78 28.32
CA ARG A 180 -8.78 0.36 28.02
C ARG A 180 -9.30 -0.72 28.98
N GLY A 181 -8.40 -1.40 29.66
CA GLY A 181 -8.80 -2.44 30.58
C GLY A 181 -8.75 -3.82 29.95
N LEU A 182 -7.93 -3.97 28.91
CA LEU A 182 -7.76 -5.25 28.21
C LEU A 182 -6.26 -5.58 28.22
N PRO A 183 -5.87 -6.84 27.93
CA PRO A 183 -4.45 -7.24 27.92
C PRO A 183 -3.60 -6.35 27.03
N MET A 184 -2.34 -6.14 27.42
CA MET A 184 -1.46 -5.27 26.65
C MET A 184 -0.38 -6.03 25.90
N SER A 185 -0.50 -7.36 25.90
CA SER A 185 0.49 -8.20 25.23
C SER A 185 0.49 -8.10 23.72
N PHE A 186 1.53 -8.66 23.11
CA PHE A 186 1.66 -8.68 21.67
C PHE A 186 0.75 -9.80 21.16
N THR A 187 0.46 -10.77 22.02
CA THR A 187 -0.40 -11.89 21.65
C THR A 187 -1.85 -11.44 21.57
N PHE A 188 -2.29 -10.61 22.51
CA PHE A 188 -3.67 -10.13 22.48
C PHE A 188 -3.86 -9.15 21.33
N ALA A 189 -2.90 -8.25 21.16
CA ALA A 189 -2.97 -7.28 20.08
C ALA A 189 -3.10 -7.99 18.76
N ARG A 190 -2.25 -8.99 18.54
CA ARG A 190 -2.28 -9.74 17.30
C ARG A 190 -3.62 -10.46 17.09
N PHE A 191 -4.18 -11.01 18.16
CA PHE A 191 -5.46 -11.69 18.07
C PHE A 191 -6.52 -10.68 17.63
N LEU A 192 -6.59 -9.53 18.33
CA LEU A 192 -7.55 -8.49 17.97
C LEU A 192 -7.33 -7.99 16.56
N LYS A 193 -6.07 -7.94 16.13
CA LYS A 193 -5.77 -7.48 14.78
C LYS A 193 -6.38 -8.50 13.81
N PHE A 194 -6.32 -9.78 14.19
CA PHE A 194 -6.87 -10.87 13.37
C PHE A 194 -8.38 -10.71 13.26
N ILE A 195 -9.04 -10.57 14.40
CA ILE A 195 -10.49 -10.39 14.45
C ILE A 195 -10.96 -9.23 13.60
N VAL A 196 -10.23 -8.12 13.70
CA VAL A 196 -10.53 -6.90 12.97
C VAL A 196 -10.34 -7.03 11.47
N THR A 197 -9.26 -7.69 11.04
CA THR A 197 -8.99 -7.85 9.62
C THR A 197 -9.79 -8.97 8.95
N GLU A 198 -10.14 -10.00 9.71
CA GLU A 198 -10.86 -11.14 9.19
C GLU A 198 -12.38 -11.17 9.38
N ILE A 199 -12.88 -10.55 10.46
CA ILE A 199 -14.30 -10.59 10.79
C ILE A 199 -14.98 -9.22 10.88
N PHE A 200 -14.61 -8.44 11.90
CA PHE A 200 -15.19 -7.12 12.13
C PHE A 200 -14.14 -6.02 12.14
N PRO A 201 -14.17 -5.14 11.13
CA PRO A 201 -15.08 -5.10 9.99
C PRO A 201 -14.78 -6.13 8.90
N GLY A 202 -13.58 -6.70 8.94
CA GLY A 202 -13.21 -7.69 7.94
C GLY A 202 -12.36 -7.13 6.81
N GLY A 203 -11.47 -6.21 7.15
CA GLY A 203 -10.60 -5.61 6.16
C GLY A 203 -9.39 -4.95 6.82
N ARG A 204 -8.37 -4.63 6.04
CA ARG A 204 -7.16 -3.99 6.56
C ARG A 204 -7.40 -2.50 6.77
N LEU A 205 -7.21 -2.05 8.00
CA LEU A 205 -7.42 -0.65 8.36
C LEU A 205 -6.14 0.12 8.63
N PRO A 206 -6.12 1.41 8.26
CA PRO A 206 -4.92 2.21 8.51
C PRO A 206 -4.96 2.67 9.97
N SER A 207 -3.79 2.88 10.56
CA SER A 207 -3.70 3.33 11.94
C SER A 207 -3.52 4.84 11.89
N ILE A 208 -3.85 5.52 12.98
CA ILE A 208 -3.69 6.97 13.02
C ILE A 208 -2.24 7.37 12.70
N PRO A 209 -1.26 6.70 13.32
CA PRO A 209 0.14 7.05 13.02
C PRO A 209 0.43 6.93 11.53
N MET A 210 0.00 5.82 10.94
CA MET A 210 0.20 5.58 9.51
C MET A 210 -0.25 6.72 8.62
N VAL A 211 -1.45 7.24 8.91
CA VAL A 211 -1.98 8.34 8.10
C VAL A 211 -1.15 9.61 8.33
N GLN A 212 -0.89 9.92 9.60
CA GLN A 212 -0.09 11.09 9.96
C GLN A 212 1.29 11.03 9.35
N GLU A 213 1.82 9.81 9.23
CA GLU A 213 3.14 9.60 8.67
C GLU A 213 3.09 9.66 7.15
N CYS A 214 2.15 8.96 6.54
CA CYS A 214 2.03 8.99 5.09
C CYS A 214 1.77 10.41 4.60
N ALA A 215 1.07 11.20 5.39
CA ALA A 215 0.76 12.58 5.04
C ALA A 215 1.99 13.47 5.23
N SER A 216 2.66 13.31 6.37
CA SER A 216 3.86 14.09 6.68
C SER A 216 5.01 13.74 5.76
N ALA A 217 4.76 12.92 4.75
CA ALA A 217 5.81 12.51 3.83
C ALA A 217 5.41 12.70 2.37
N ASN A 218 4.46 13.59 2.14
CA ASN A 218 4.00 13.87 0.78
C ASN A 218 3.63 15.33 0.62
N GLY A 219 3.99 16.14 1.61
CA GLY A 219 3.73 17.56 1.57
C GLY A 219 2.54 17.99 2.41
N PHE A 220 2.16 17.17 3.39
CA PHE A 220 1.01 17.52 4.23
C PHE A 220 1.31 17.58 5.71
N THR A 221 0.39 18.17 6.46
CA THR A 221 0.55 18.31 7.89
C THR A 221 -0.81 18.13 8.58
N VAL A 222 -0.99 16.99 9.23
CA VAL A 222 -2.24 16.67 9.92
C VAL A 222 -2.52 17.64 11.06
N THR A 223 -3.36 18.64 10.77
CA THR A 223 -3.74 19.66 11.74
C THR A 223 -4.64 19.16 12.87
N ARG A 224 -5.54 18.22 12.56
CA ARG A 224 -6.44 17.69 13.57
C ARG A 224 -6.85 16.26 13.27
N VAL A 225 -7.20 15.52 14.31
CA VAL A 225 -7.65 14.15 14.15
C VAL A 225 -8.88 14.01 15.01
N GLN A 226 -10.06 14.11 14.41
CA GLN A 226 -11.28 14.00 15.17
C GLN A 226 -11.89 12.61 15.12
N SER A 227 -12.15 12.04 16.29
CA SER A 227 -12.73 10.70 16.40
C SER A 227 -14.26 10.76 16.52
N LEU A 228 -14.95 9.86 15.82
CA LEU A 228 -16.41 9.83 15.86
C LEU A 228 -16.82 8.45 16.34
N GLN A 229 -15.94 7.82 17.13
CA GLN A 229 -16.17 6.48 17.64
C GLN A 229 -17.55 6.26 18.26
N PRO A 230 -17.96 7.13 19.18
CA PRO A 230 -19.28 6.97 19.80
C PRO A 230 -20.38 6.91 18.74
N HIS A 231 -20.37 7.92 17.88
CA HIS A 231 -21.34 8.05 16.80
C HIS A 231 -21.52 6.80 15.94
N TYR A 232 -20.43 6.11 15.61
CA TYR A 232 -20.55 4.92 14.77
C TYR A 232 -21.29 3.81 15.49
N ALA A 233 -21.13 3.71 16.81
CA ALA A 233 -21.85 2.69 17.56
C ALA A 233 -23.34 2.90 17.36
N LYS A 234 -23.78 4.15 17.48
CA LYS A 234 -25.19 4.48 17.30
C LYS A 234 -25.62 4.39 15.83
N THR A 235 -24.74 4.79 14.91
CA THR A 235 -25.09 4.71 13.50
C THR A 235 -25.41 3.26 13.19
N LEU A 236 -24.46 2.38 13.48
CA LEU A 236 -24.63 0.97 13.26
C LEU A 236 -25.87 0.44 14.01
N ASP A 237 -26.16 1.03 15.17
CA ASP A 237 -27.33 0.62 15.95
C ASP A 237 -28.60 0.98 15.20
N LEU A 238 -28.59 2.14 14.56
CA LEU A 238 -29.74 2.61 13.78
C LEU A 238 -29.88 1.85 12.47
N TRP A 239 -28.76 1.43 11.89
CA TRP A 239 -28.84 0.68 10.64
C TRP A 239 -29.41 -0.70 10.90
N SER A 240 -29.00 -1.34 12.00
CA SER A 240 -29.49 -2.68 12.31
C SER A 240 -30.99 -2.67 12.66
N ALA A 241 -31.42 -1.66 13.42
CA ALA A 241 -32.83 -1.55 13.79
C ALA A 241 -33.63 -1.38 12.52
N ALA A 242 -33.21 -0.43 11.69
CA ALA A 242 -33.92 -0.17 10.46
C ALA A 242 -33.98 -1.46 9.61
N LEU A 243 -32.86 -2.18 9.51
CA LEU A 243 -32.84 -3.41 8.73
C LEU A 243 -33.80 -4.46 9.28
N GLN A 244 -33.81 -4.62 10.61
CA GLN A 244 -34.70 -5.59 11.24
C GLN A 244 -36.16 -5.25 10.95
N ALA A 245 -36.50 -3.97 10.98
CA ALA A 245 -37.87 -3.53 10.71
C ALA A 245 -38.28 -3.87 9.28
N ASN A 246 -37.29 -4.10 8.42
CA ASN A 246 -37.56 -4.43 7.02
C ASN A 246 -37.05 -5.82 6.69
N LYS A 247 -37.00 -6.67 7.69
CA LYS A 247 -36.54 -8.04 7.51
C LYS A 247 -37.25 -8.66 6.31
N GLY A 248 -38.57 -8.49 6.24
CA GLY A 248 -39.34 -9.04 5.14
C GLY A 248 -38.80 -8.68 3.76
N GLN A 249 -38.75 -7.37 3.47
CA GLN A 249 -38.25 -6.89 2.18
C GLN A 249 -36.81 -7.39 1.97
N ALA A 250 -35.98 -7.26 3.00
CA ALA A 250 -34.59 -7.68 2.92
C ALA A 250 -34.47 -9.13 2.46
N ILE A 251 -35.18 -10.03 3.15
CA ILE A 251 -35.14 -11.44 2.79
C ILE A 251 -35.70 -11.64 1.38
N ALA A 252 -36.57 -10.73 0.96
CA ALA A 252 -37.19 -10.79 -0.36
C ALA A 252 -36.27 -10.30 -1.49
N LEU A 253 -35.42 -9.32 -1.18
CA LEU A 253 -34.49 -8.77 -2.17
C LEU A 253 -33.25 -9.62 -2.29
N GLN A 254 -32.78 -10.12 -1.16
CA GLN A 254 -31.60 -10.98 -1.12
C GLN A 254 -32.05 -12.34 -0.64
N SER A 255 -31.77 -12.66 0.61
CA SER A 255 -32.16 -13.93 1.18
C SER A 255 -32.05 -13.89 2.71
N GLU A 256 -32.51 -14.94 3.37
CA GLU A 256 -32.45 -14.98 4.82
C GLU A 256 -31.01 -15.11 5.32
N GLU A 257 -30.13 -15.61 4.45
CA GLU A 257 -28.73 -15.78 4.81
C GLU A 257 -27.98 -14.45 4.84
N VAL A 258 -28.26 -13.60 3.85
CA VAL A 258 -27.63 -12.29 3.76
C VAL A 258 -28.14 -11.42 4.91
N TYR A 259 -29.45 -11.44 5.11
CA TYR A 259 -30.08 -10.66 6.17
C TYR A 259 -29.40 -10.92 7.52
N GLU A 260 -29.29 -12.21 7.85
CA GLU A 260 -28.69 -12.63 9.11
C GLU A 260 -27.21 -12.24 9.15
N ARG A 261 -26.53 -12.35 8.02
CA ARG A 261 -25.11 -12.02 7.95
C ARG A 261 -24.92 -10.57 8.33
N TYR A 262 -25.76 -9.70 7.77
CA TYR A 262 -25.65 -8.28 8.07
C TYR A 262 -26.03 -7.94 9.48
N MET A 263 -27.13 -8.50 9.97
CA MET A 263 -27.54 -8.20 11.32
C MET A 263 -26.42 -8.47 12.32
N LYS A 264 -25.70 -9.58 12.12
CA LYS A 264 -24.61 -9.97 13.00
C LYS A 264 -23.28 -9.30 12.66
N TYR A 265 -23.15 -8.82 11.43
CA TYR A 265 -21.94 -8.12 11.02
C TYR A 265 -22.07 -6.69 11.51
N LEU A 266 -23.29 -6.17 11.48
CA LEU A 266 -23.54 -4.80 11.93
C LEU A 266 -23.39 -4.77 13.45
N THR A 267 -23.93 -5.80 14.09
CA THR A 267 -23.85 -5.94 15.54
C THR A 267 -22.40 -6.08 15.99
N GLY A 268 -21.68 -7.00 15.34
CA GLY A 268 -20.29 -7.23 15.66
C GLY A 268 -19.42 -6.01 15.48
N CYS A 269 -19.57 -5.32 14.36
CA CYS A 269 -18.78 -4.12 14.09
C CYS A 269 -19.04 -3.02 15.11
N ALA A 270 -20.28 -2.91 15.57
CA ALA A 270 -20.64 -1.90 16.56
C ALA A 270 -19.86 -2.13 17.86
N GLU A 271 -19.64 -3.40 18.18
CA GLU A 271 -18.90 -3.78 19.38
C GLU A 271 -17.42 -3.47 19.25
N MET A 272 -16.85 -3.76 18.09
CA MET A 272 -15.44 -3.48 17.88
C MET A 272 -15.13 -2.01 18.19
N PHE A 273 -16.10 -1.13 17.94
CA PHE A 273 -15.91 0.30 18.23
C PHE A 273 -16.02 0.49 19.74
N ARG A 274 -16.96 -0.23 20.35
CA ARG A 274 -17.18 -0.15 21.78
C ARG A 274 -16.00 -0.61 22.64
N ILE A 275 -14.94 -1.11 21.99
CA ILE A 275 -13.74 -1.53 22.72
C ILE A 275 -12.55 -0.70 22.23
N GLY A 276 -12.77 0.01 21.13
CA GLY A 276 -11.73 0.87 20.61
C GLY A 276 -10.65 0.32 19.69
N TYR A 277 -10.71 -0.96 19.31
CA TYR A 277 -9.69 -1.47 18.40
C TYR A 277 -10.00 -0.96 17.02
N ILE A 278 -11.23 -0.49 16.86
CA ILE A 278 -11.73 0.06 15.61
C ILE A 278 -12.09 1.52 15.89
N ASP A 279 -11.64 2.42 15.03
CA ASP A 279 -11.94 3.83 15.21
C ASP A 279 -12.28 4.46 13.87
N VAL A 280 -12.86 5.65 13.92
CA VAL A 280 -13.21 6.37 12.71
C VAL A 280 -12.77 7.82 12.93
N ASN A 281 -11.83 8.27 12.11
CA ASN A 281 -11.34 9.62 12.26
C ASN A 281 -11.39 10.49 11.02
N GLN A 282 -11.52 11.80 11.26
CA GLN A 282 -11.51 12.77 10.19
C GLN A 282 -10.14 13.41 10.36
N PHE A 283 -9.33 13.37 9.32
CA PHE A 283 -7.98 13.92 9.38
C PHE A 283 -7.83 15.21 8.58
N THR A 284 -7.83 16.36 9.25
CA THR A 284 -7.65 17.61 8.51
C THR A 284 -6.19 17.66 8.11
N CYS A 285 -5.93 17.51 6.81
CA CYS A 285 -4.58 17.52 6.28
C CYS A 285 -4.27 18.85 5.64
N GLN A 286 -3.75 19.79 6.43
CA GLN A 286 -3.43 21.13 5.94
C GLN A 286 -1.98 21.13 5.44
N LYS A 287 -1.76 21.57 4.20
CA LYS A 287 -0.40 21.59 3.69
C LYS A 287 0.21 23.00 3.60
N LEU B 18 9.19 -1.47 -22.97
CA LEU B 18 10.53 -2.13 -23.06
C LEU B 18 10.44 -3.65 -23.15
N SER B 19 11.35 -4.21 -23.93
CA SER B 19 11.41 -5.66 -24.16
C SER B 19 12.35 -6.32 -23.16
N ASP B 20 12.03 -7.56 -22.78
CA ASP B 20 12.91 -8.31 -21.88
C ASP B 20 14.28 -8.35 -22.55
N ASP B 21 14.28 -8.43 -23.88
CA ASP B 21 15.52 -8.49 -24.66
C ASP B 21 16.44 -7.32 -24.36
N PHE B 22 15.87 -6.17 -24.00
CA PHE B 22 16.70 -5.02 -23.70
C PHE B 22 17.59 -5.24 -22.47
N PHE B 23 17.01 -5.72 -21.38
CA PHE B 23 17.79 -5.95 -20.17
C PHE B 23 18.84 -7.03 -20.37
N ARG B 24 18.57 -7.96 -21.26
CA ARG B 24 19.51 -9.03 -21.52
C ARG B 24 20.80 -8.48 -22.09
N LEU B 25 20.73 -7.31 -22.70
CA LEU B 25 21.91 -6.70 -23.27
C LEU B 25 22.90 -6.28 -22.19
N PHE B 26 22.44 -6.12 -20.95
CA PHE B 26 23.35 -5.71 -19.88
C PHE B 26 23.31 -6.53 -18.60
N LEU B 27 22.35 -7.45 -18.47
CA LEU B 27 22.32 -8.27 -17.27
C LEU B 27 23.18 -9.49 -17.53
N ASP B 28 23.56 -10.20 -16.46
CA ASP B 28 24.37 -11.39 -16.60
C ASP B 28 23.49 -12.52 -17.15
N PRO B 29 24.11 -13.66 -17.51
CA PRO B 29 23.34 -14.79 -18.06
C PRO B 29 22.09 -15.19 -17.25
N THR B 30 22.12 -14.99 -15.94
CA THR B 30 20.98 -15.35 -15.10
C THR B 30 19.88 -14.29 -15.12
N GLN B 31 20.11 -13.20 -15.82
CA GLN B 31 19.13 -12.12 -15.88
C GLN B 31 18.72 -11.61 -14.49
N THR B 32 19.64 -11.65 -13.53
CA THR B 32 19.35 -11.18 -12.18
C THR B 32 19.45 -9.66 -12.12
N TYR B 33 18.28 -9.02 -12.06
CA TYR B 33 18.17 -7.58 -12.05
C TYR B 33 18.11 -6.97 -10.64
N SER B 34 19.16 -7.22 -9.84
CA SER B 34 19.28 -6.70 -8.49
C SER B 34 20.75 -6.72 -8.06
N CYS B 35 21.04 -6.11 -6.92
CA CYS B 35 22.40 -5.99 -6.42
C CYS B 35 23.21 -7.28 -6.34
N ALA B 36 24.34 -7.33 -7.06
CA ALA B 36 25.18 -8.51 -7.00
C ALA B 36 26.03 -8.39 -5.73
N TYR B 37 26.67 -9.48 -5.33
CA TYR B 37 27.50 -9.49 -4.13
C TYR B 37 28.90 -10.02 -4.43
N PHE B 38 29.81 -9.09 -4.66
CA PHE B 38 31.20 -9.42 -4.96
C PHE B 38 31.95 -9.86 -3.71
N GLU B 39 31.65 -11.08 -3.28
CA GLU B 39 32.27 -11.66 -2.10
C GLU B 39 33.79 -11.61 -2.25
N ARG B 40 34.24 -11.58 -3.50
CA ARG B 40 35.66 -11.46 -3.83
C ARG B 40 35.65 -10.36 -4.87
N ASP B 41 36.31 -9.25 -4.58
CA ASP B 41 36.36 -8.12 -5.50
C ASP B 41 36.73 -8.62 -6.90
N ASP B 42 37.29 -9.83 -6.92
CA ASP B 42 37.71 -10.51 -8.13
C ASP B 42 36.52 -10.99 -8.97
N MET B 43 35.42 -11.31 -8.30
CA MET B 43 34.23 -11.86 -8.97
C MET B 43 33.60 -11.11 -10.14
N THR B 44 33.11 -11.89 -11.10
CA THR B 44 32.43 -11.34 -12.26
C THR B 44 31.00 -11.07 -11.82
N LEU B 45 30.24 -10.37 -12.66
CA LEU B 45 28.86 -10.05 -12.34
C LEU B 45 28.10 -11.32 -12.01
N GLN B 46 28.12 -12.28 -12.94
CA GLN B 46 27.42 -13.55 -12.75
C GLN B 46 27.77 -14.25 -11.45
N GLU B 47 29.06 -14.39 -11.17
CA GLU B 47 29.51 -15.04 -9.95
C GLU B 47 28.97 -14.22 -8.78
N ALA B 48 29.13 -12.92 -8.90
CA ALA B 48 28.66 -11.99 -7.88
C ALA B 48 27.17 -12.22 -7.62
N GLN B 49 26.39 -12.39 -8.67
CA GLN B 49 24.95 -12.61 -8.55
C GLN B 49 24.67 -13.90 -7.83
N ILE B 50 25.33 -14.98 -8.26
CA ILE B 50 25.15 -16.26 -7.61
C ILE B 50 25.51 -16.10 -6.14
N ALA B 51 26.57 -15.35 -5.84
CA ALA B 51 27.00 -15.14 -4.46
C ALA B 51 25.91 -14.41 -3.66
N LYS B 52 25.31 -13.40 -4.28
CA LYS B 52 24.25 -12.66 -3.62
C LYS B 52 23.17 -13.65 -3.22
N ILE B 53 22.88 -14.60 -4.11
CA ILE B 53 21.87 -15.62 -3.85
C ILE B 53 22.27 -16.55 -2.71
N ASP B 54 23.51 -17.04 -2.72
CA ASP B 54 23.99 -17.91 -1.66
C ASP B 54 23.97 -17.16 -0.34
N LEU B 55 24.29 -15.88 -0.40
CA LEU B 55 24.29 -15.05 0.80
C LEU B 55 22.89 -15.07 1.44
N ALA B 56 21.86 -14.76 0.66
CA ALA B 56 20.50 -14.75 1.17
C ALA B 56 20.07 -16.15 1.60
N LEU B 57 20.19 -17.12 0.70
CA LEU B 57 19.81 -18.49 1.01
C LEU B 57 20.54 -19.00 2.24
N GLY B 58 21.85 -18.72 2.32
CA GLY B 58 22.66 -19.18 3.44
C GLY B 58 22.22 -18.71 4.82
N LYS B 59 21.27 -17.78 4.89
CA LYS B 59 20.82 -17.28 6.18
C LYS B 59 19.56 -17.98 6.66
N LEU B 60 18.90 -18.68 5.74
CA LEU B 60 17.65 -19.37 6.03
C LEU B 60 17.74 -20.66 6.83
N GLY B 61 18.91 -21.30 6.82
CA GLY B 61 19.06 -22.56 7.55
C GLY B 61 18.23 -23.66 6.90
N LEU B 62 18.23 -23.68 5.57
CA LEU B 62 17.47 -24.66 4.80
C LEU B 62 17.93 -26.10 5.00
N GLN B 63 16.98 -26.97 5.36
CA GLN B 63 17.27 -28.39 5.54
C GLN B 63 16.72 -29.13 4.33
N PRO B 64 17.41 -30.17 3.88
CA PRO B 64 16.88 -30.90 2.71
C PRO B 64 15.44 -31.30 2.97
N GLY B 65 14.60 -31.15 1.95
CA GLY B 65 13.21 -31.52 2.11
C GLY B 65 12.30 -30.38 2.49
N MET B 66 12.88 -29.29 2.98
CA MET B 66 12.10 -28.13 3.35
C MET B 66 11.52 -27.54 2.07
N THR B 67 10.50 -26.71 2.22
CA THR B 67 9.88 -26.06 1.07
C THR B 67 10.12 -24.56 1.19
N LEU B 68 10.83 -24.01 0.22
CA LEU B 68 11.13 -22.60 0.21
C LEU B 68 10.26 -21.81 -0.74
N LEU B 69 9.79 -20.66 -0.28
CA LEU B 69 8.96 -19.77 -1.07
C LEU B 69 9.78 -18.58 -1.54
N ASP B 70 9.87 -18.43 -2.85
CA ASP B 70 10.59 -17.30 -3.43
C ASP B 70 9.56 -16.35 -4.03
N VAL B 71 9.31 -15.23 -3.33
CA VAL B 71 8.36 -14.20 -3.78
C VAL B 71 9.02 -13.29 -4.84
N GLY B 72 8.61 -13.42 -6.09
CA GLY B 72 9.22 -12.62 -7.13
C GLY B 72 10.46 -13.37 -7.56
N CYS B 73 10.25 -14.61 -8.00
CA CYS B 73 11.33 -15.49 -8.43
C CYS B 73 12.11 -14.99 -9.64
N GLY B 74 11.62 -13.93 -10.28
CA GLY B 74 12.29 -13.39 -11.45
C GLY B 74 12.50 -14.46 -12.51
N TRP B 75 13.72 -14.58 -13.02
CA TRP B 75 13.99 -15.59 -14.05
C TRP B 75 14.42 -16.97 -13.51
N GLY B 76 14.15 -17.20 -12.22
CA GLY B 76 14.44 -18.47 -11.59
C GLY B 76 15.80 -18.82 -11.00
N ALA B 77 16.80 -17.97 -11.15
CA ALA B 77 18.13 -18.30 -10.62
C ALA B 77 18.19 -18.62 -9.12
N THR B 78 17.35 -17.95 -8.32
CA THR B 78 17.32 -18.16 -6.88
C THR B 78 16.66 -19.51 -6.55
N MET B 79 15.55 -19.80 -7.23
CA MET B 79 14.83 -21.06 -7.01
C MET B 79 15.69 -22.25 -7.36
N MET B 80 16.31 -22.18 -8.54
CA MET B 80 17.13 -23.29 -9.03
C MET B 80 18.36 -23.46 -8.18
N ARG B 81 18.90 -22.35 -7.69
CA ARG B 81 20.08 -22.44 -6.84
C ARG B 81 19.66 -23.12 -5.54
N ALA B 82 18.53 -22.70 -4.98
CA ALA B 82 18.02 -23.29 -3.72
C ALA B 82 17.92 -24.81 -3.87
N VAL B 83 17.28 -25.24 -4.94
CA VAL B 83 17.14 -26.66 -5.16
C VAL B 83 18.50 -27.36 -5.23
N GLU B 84 19.39 -26.83 -6.05
CA GLU B 84 20.72 -27.40 -6.22
C GLU B 84 21.59 -27.51 -4.99
N LYS B 85 21.78 -26.41 -4.27
CA LYS B 85 22.65 -26.44 -3.11
C LYS B 85 22.02 -26.85 -1.78
N TYR B 86 20.71 -26.75 -1.65
CA TYR B 86 20.10 -27.13 -0.38
C TYR B 86 19.15 -28.31 -0.50
N ASP B 87 18.92 -28.78 -1.72
CA ASP B 87 18.04 -29.91 -1.94
C ASP B 87 16.69 -29.70 -1.23
N VAL B 88 16.03 -28.60 -1.57
CA VAL B 88 14.74 -28.27 -0.98
C VAL B 88 13.68 -28.15 -2.07
N ASN B 89 12.42 -28.25 -1.70
CA ASN B 89 11.32 -28.07 -2.66
C ASN B 89 11.24 -26.57 -2.79
N VAL B 90 10.69 -26.07 -3.89
CA VAL B 90 10.56 -24.62 -4.07
C VAL B 90 9.27 -24.19 -4.75
N VAL B 91 8.82 -23.00 -4.40
CA VAL B 91 7.63 -22.40 -4.98
C VAL B 91 8.02 -20.95 -5.30
N GLY B 92 7.95 -20.60 -6.58
CA GLY B 92 8.30 -19.26 -7.00
C GLY B 92 7.08 -18.51 -7.50
N LEU B 93 7.04 -17.22 -7.23
CA LEU B 93 5.94 -16.37 -7.65
C LEU B 93 6.44 -15.22 -8.52
N THR B 94 5.71 -14.93 -9.58
CA THR B 94 6.06 -13.85 -10.50
C THR B 94 4.81 -13.36 -11.23
N LEU B 95 4.69 -12.05 -11.40
CA LEU B 95 3.56 -11.47 -12.11
C LEU B 95 3.79 -11.49 -13.63
N SER B 96 5.02 -11.76 -14.03
CA SER B 96 5.45 -11.80 -15.43
C SER B 96 5.22 -13.15 -16.10
N LYS B 97 4.50 -13.14 -17.21
CA LYS B 97 4.21 -14.36 -17.95
C LYS B 97 5.49 -14.99 -18.54
N ASN B 98 6.36 -14.16 -19.10
CA ASN B 98 7.60 -14.64 -19.70
C ASN B 98 8.49 -15.33 -18.69
N GLN B 99 8.62 -14.74 -17.50
CA GLN B 99 9.47 -15.35 -16.49
C GLN B 99 8.86 -16.69 -16.05
N ALA B 100 7.53 -16.74 -15.97
CA ALA B 100 6.86 -17.97 -15.57
C ALA B 100 7.11 -19.08 -16.61
N ASN B 101 7.04 -18.74 -17.89
CA ASN B 101 7.27 -19.74 -18.93
C ASN B 101 8.74 -20.19 -18.85
N HIS B 102 9.64 -19.22 -18.81
CA HIS B 102 11.06 -19.51 -18.73
C HIS B 102 11.39 -20.40 -17.53
N VAL B 103 10.80 -20.10 -16.37
CA VAL B 103 11.11 -20.90 -15.20
C VAL B 103 10.47 -22.27 -15.28
N GLN B 104 9.28 -22.36 -15.88
CA GLN B 104 8.62 -23.67 -16.00
C GLN B 104 9.47 -24.54 -16.91
N GLN B 105 10.16 -23.91 -17.84
CA GLN B 105 11.04 -24.63 -18.75
C GLN B 105 12.26 -25.14 -17.97
N LEU B 106 12.79 -24.31 -17.07
CA LEU B 106 13.93 -24.72 -16.24
C LEU B 106 13.56 -25.91 -15.37
N VAL B 107 12.36 -25.87 -14.81
CA VAL B 107 11.86 -26.94 -13.96
C VAL B 107 11.68 -28.25 -14.74
N ALA B 108 11.20 -28.14 -15.98
CA ALA B 108 10.99 -29.34 -16.78
C ALA B 108 12.31 -30.07 -17.05
N ASN B 109 13.38 -29.30 -17.20
CA ASN B 109 14.67 -29.89 -17.51
C ASN B 109 15.60 -30.24 -16.35
N SER B 110 15.16 -29.95 -15.14
CA SER B 110 15.92 -30.21 -13.93
C SER B 110 16.08 -31.69 -13.63
N GLU B 111 17.24 -32.09 -13.15
CA GLU B 111 17.52 -33.49 -12.82
C GLU B 111 17.16 -33.81 -11.36
N ASN B 112 16.96 -32.74 -10.59
CA ASN B 112 16.60 -32.86 -9.18
C ASN B 112 15.17 -33.38 -9.01
N LEU B 113 14.97 -34.21 -7.99
CA LEU B 113 13.67 -34.82 -7.74
C LEU B 113 12.67 -34.04 -6.88
N ARG B 114 13.12 -32.95 -6.28
CA ARG B 114 12.25 -32.14 -5.43
C ARG B 114 11.15 -31.43 -6.21
N SER B 115 10.09 -31.08 -5.49
CA SER B 115 8.97 -30.37 -6.11
C SER B 115 9.39 -28.94 -6.44
N LYS B 116 9.00 -28.47 -7.62
CA LYS B 116 9.33 -27.12 -8.04
C LYS B 116 8.14 -26.53 -8.77
N ARG B 117 7.61 -25.42 -8.27
CA ARG B 117 6.48 -24.80 -8.92
C ARG B 117 6.68 -23.32 -9.11
N VAL B 118 6.12 -22.82 -10.20
CA VAL B 118 6.17 -21.40 -10.53
C VAL B 118 4.74 -21.03 -10.73
N LEU B 119 4.27 -20.07 -9.97
CA LEU B 119 2.89 -19.65 -10.09
C LEU B 119 2.87 -18.23 -10.65
N LEU B 120 1.94 -17.99 -11.56
CA LEU B 120 1.80 -16.67 -12.13
C LEU B 120 0.75 -16.00 -11.27
N ALA B 121 1.20 -15.41 -10.17
CA ALA B 121 0.30 -14.74 -9.24
C ALA B 121 1.10 -13.95 -8.23
N GLY B 122 0.41 -13.04 -7.54
CA GLY B 122 1.07 -12.21 -6.55
C GLY B 122 1.10 -12.85 -5.18
N TRP B 123 1.96 -12.35 -4.30
CA TRP B 123 2.06 -12.92 -2.96
C TRP B 123 0.78 -12.80 -2.13
N GLU B 124 0.01 -11.74 -2.34
CA GLU B 124 -1.23 -11.52 -1.59
C GLU B 124 -2.13 -12.77 -1.55
N GLN B 125 -2.27 -13.43 -2.70
CA GLN B 125 -3.13 -14.61 -2.82
C GLN B 125 -2.53 -15.97 -2.44
N PHE B 126 -1.22 -16.01 -2.14
CA PHE B 126 -0.59 -17.29 -1.80
C PHE B 126 -1.05 -17.80 -0.44
N ASP B 127 -1.68 -18.97 -0.45
CA ASP B 127 -2.22 -19.58 0.76
C ASP B 127 -1.63 -20.99 0.92
N GLU B 128 -0.32 -21.08 1.07
CA GLU B 128 0.35 -22.36 1.23
C GLU B 128 1.45 -22.30 2.26
N PRO B 129 1.49 -23.30 3.17
CA PRO B 129 2.52 -23.33 4.20
C PRO B 129 3.91 -23.62 3.63
N VAL B 130 4.89 -22.87 4.12
CA VAL B 130 6.27 -23.02 3.66
C VAL B 130 7.17 -22.83 4.86
N ASP B 131 8.34 -23.46 4.82
CA ASP B 131 9.30 -23.41 5.91
C ASP B 131 10.19 -22.18 5.93
N ARG B 132 10.53 -21.67 4.75
CA ARG B 132 11.39 -20.51 4.65
C ARG B 132 10.94 -19.64 3.50
N ILE B 133 11.24 -18.36 3.61
CA ILE B 133 10.86 -17.42 2.58
C ILE B 133 12.01 -16.50 2.23
N VAL B 134 12.16 -16.26 0.93
CA VAL B 134 13.16 -15.37 0.40
C VAL B 134 12.48 -14.42 -0.58
N SER B 135 12.87 -13.16 -0.49
CA SER B 135 12.34 -12.13 -1.37
C SER B 135 13.47 -11.15 -1.70
N ILE B 136 13.93 -11.20 -2.95
CA ILE B 136 14.99 -10.32 -3.43
C ILE B 136 14.31 -9.42 -4.44
N GLY B 137 14.22 -8.14 -4.12
CA GLY B 137 13.55 -7.19 -4.98
C GLY B 137 14.17 -7.02 -6.35
N ALA B 138 13.43 -6.41 -7.25
CA ALA B 138 13.92 -6.18 -8.60
C ALA B 138 14.17 -4.69 -8.75
N PHE B 139 15.27 -4.32 -9.38
CA PHE B 139 15.59 -2.92 -9.59
C PHE B 139 14.42 -2.33 -10.37
N GLU B 140 14.16 -1.04 -10.16
CA GLU B 140 13.06 -0.35 -10.83
C GLU B 140 11.68 -0.68 -10.26
N HIS B 141 11.68 -1.36 -9.11
CA HIS B 141 10.45 -1.72 -8.38
C HIS B 141 10.81 -1.43 -6.93
N PHE B 142 10.38 -0.27 -6.43
CA PHE B 142 10.75 0.15 -5.08
C PHE B 142 9.68 0.35 -4.01
N GLY B 143 8.41 0.27 -4.39
CA GLY B 143 7.33 0.49 -3.42
C GLY B 143 7.49 -0.19 -2.08
N HIS B 144 6.64 0.19 -1.13
CA HIS B 144 6.66 -0.40 0.21
C HIS B 144 5.36 -0.18 1.00
N GLU B 145 4.30 0.20 0.29
CA GLU B 145 3.00 0.46 0.92
C GLU B 145 2.39 -0.78 1.56
N ARG B 146 2.58 -1.94 0.93
CA ARG B 146 2.03 -3.20 1.44
C ARG B 146 3.01 -4.00 2.30
N TYR B 147 3.91 -3.30 3.00
CA TYR B 147 4.88 -3.99 3.84
C TYR B 147 4.26 -4.67 5.05
N ASP B 148 3.27 -4.02 5.68
CA ASP B 148 2.62 -4.62 6.83
C ASP B 148 1.90 -5.91 6.43
N ALA B 149 1.19 -5.88 5.30
CA ALA B 149 0.47 -7.05 4.83
C ALA B 149 1.43 -8.19 4.51
N PHE B 150 2.55 -7.85 3.89
CA PHE B 150 3.56 -8.83 3.51
C PHE B 150 4.10 -9.58 4.73
N PHE B 151 4.56 -8.84 5.73
CA PHE B 151 5.08 -9.47 6.94
C PHE B 151 4.00 -10.28 7.67
N SER B 152 2.76 -9.82 7.58
CA SER B 152 1.66 -10.54 8.21
C SER B 152 1.54 -11.91 7.56
N LEU B 153 1.39 -11.93 6.25
CA LEU B 153 1.28 -13.20 5.52
C LEU B 153 2.53 -14.07 5.73
N ALA B 154 3.70 -13.48 5.53
CA ALA B 154 4.95 -14.22 5.71
C ALA B 154 4.97 -14.92 7.06
N HIS B 155 4.51 -14.21 8.09
CA HIS B 155 4.51 -14.76 9.43
C HIS B 155 3.46 -15.86 9.61
N ARG B 156 2.34 -15.71 8.91
CA ARG B 156 1.27 -16.68 8.98
C ARG B 156 1.65 -17.99 8.27
N LEU B 157 2.43 -17.90 7.20
CA LEU B 157 2.83 -19.07 6.45
C LEU B 157 4.07 -19.79 6.95
N LEU B 158 4.86 -19.14 7.80
CA LEU B 158 6.09 -19.73 8.33
C LEU B 158 5.94 -20.68 9.51
N PRO B 159 6.91 -21.58 9.70
CA PRO B 159 6.89 -22.54 10.80
C PRO B 159 7.19 -21.76 12.08
N ALA B 160 6.87 -22.33 13.24
CA ALA B 160 7.11 -21.65 14.49
C ALA B 160 8.53 -21.06 14.55
N ASP B 161 9.47 -21.72 13.86
CA ASP B 161 10.87 -21.27 13.83
C ASP B 161 11.29 -20.86 12.42
N GLY B 162 10.34 -20.33 11.66
CA GLY B 162 10.63 -19.93 10.29
C GLY B 162 11.49 -18.69 10.15
N VAL B 163 12.14 -18.58 9.00
CA VAL B 163 12.98 -17.42 8.73
C VAL B 163 12.67 -16.91 7.36
N MET B 164 12.69 -15.58 7.23
CA MET B 164 12.46 -14.95 5.96
C MET B 164 13.61 -14.01 5.70
N LEU B 165 14.10 -14.02 4.46
CA LEU B 165 15.18 -13.12 4.08
C LEU B 165 14.60 -12.09 3.14
N LEU B 166 14.66 -10.84 3.54
CA LEU B 166 14.16 -9.77 2.70
C LEU B 166 15.34 -8.94 2.25
N HIS B 167 15.49 -8.85 0.93
CA HIS B 167 16.55 -8.12 0.27
C HIS B 167 15.87 -6.99 -0.47
N THR B 168 16.15 -5.75 -0.08
CA THR B 168 15.51 -4.61 -0.71
C THR B 168 16.36 -3.35 -0.66
N ILE B 169 16.18 -2.49 -1.65
CA ILE B 169 16.88 -1.22 -1.67
C ILE B 169 16.25 -0.39 -0.54
N THR B 170 17.04 0.46 0.11
CA THR B 170 16.48 1.28 1.20
C THR B 170 16.92 2.72 1.09
N GLY B 171 16.08 3.61 1.62
CA GLY B 171 16.37 5.04 1.63
C GLY B 171 16.60 5.45 3.07
N LEU B 172 17.17 6.65 3.26
CA LEU B 172 17.48 7.12 4.60
C LEU B 172 16.33 7.79 5.34
N HIS B 173 16.17 7.38 6.59
CA HIS B 173 15.14 7.93 7.46
C HIS B 173 15.72 9.26 7.92
N PRO B 174 14.86 10.25 8.19
CA PRO B 174 15.42 11.53 8.64
C PRO B 174 16.41 11.41 9.81
N LYS B 175 16.18 10.45 10.69
CA LYS B 175 17.03 10.27 11.85
C LYS B 175 18.42 9.72 11.54
N GLU B 176 18.54 9.03 10.42
CA GLU B 176 19.82 8.43 10.04
C GLU B 176 20.76 9.39 9.31
N ILE B 177 20.22 10.53 8.88
CA ILE B 177 21.01 11.53 8.15
C ILE B 177 22.29 11.91 8.88
N HIS B 178 22.16 12.35 10.12
CA HIS B 178 23.32 12.75 10.89
C HIS B 178 24.32 11.63 11.11
N GLU B 179 23.82 10.46 11.49
CA GLU B 179 24.67 9.30 11.75
C GLU B 179 25.55 8.96 10.56
N ARG B 180 25.01 9.20 9.36
CA ARG B 180 25.71 8.92 8.11
C ARG B 180 26.71 10.03 7.79
N GLY B 181 26.79 11.04 8.66
CA GLY B 181 27.72 12.13 8.44
C GLY B 181 27.32 13.06 7.30
N LEU B 182 26.04 13.03 6.94
CA LEU B 182 25.55 13.89 5.87
C LEU B 182 25.16 15.26 6.41
N PRO B 183 25.04 16.26 5.51
CA PRO B 183 24.66 17.62 5.89
C PRO B 183 23.35 17.62 6.66
N MET B 184 23.32 18.29 7.80
CA MET B 184 22.09 18.34 8.59
C MET B 184 21.22 19.54 8.25
N SER B 185 21.39 20.09 7.05
CA SER B 185 20.61 21.23 6.63
C SER B 185 19.27 20.80 6.06
N PHE B 186 18.39 21.78 5.90
CA PHE B 186 17.07 21.57 5.37
C PHE B 186 17.14 21.45 3.86
N THR B 187 18.03 22.25 3.27
CA THR B 187 18.20 22.25 1.84
C THR B 187 18.69 20.87 1.40
N PHE B 188 19.60 20.29 2.19
CA PHE B 188 20.12 18.97 1.84
C PHE B 188 19.02 17.90 1.92
N ALA B 189 18.24 17.91 2.99
CA ALA B 189 17.16 16.95 3.15
C ALA B 189 16.20 17.05 1.97
N ARG B 190 15.80 18.27 1.62
CA ARG B 190 14.90 18.46 0.50
C ARG B 190 15.56 17.95 -0.78
N PHE B 191 16.82 18.32 -0.99
CA PHE B 191 17.57 17.88 -2.15
C PHE B 191 17.53 16.35 -2.21
N LEU B 192 18.01 15.71 -1.15
CA LEU B 192 18.04 14.26 -1.08
C LEU B 192 16.67 13.66 -1.42
N LYS B 193 15.62 14.19 -0.82
CA LYS B 193 14.27 13.69 -1.06
C LYS B 193 13.94 13.76 -2.54
N PHE B 194 14.25 14.91 -3.14
CA PHE B 194 13.99 15.13 -4.55
C PHE B 194 14.74 14.14 -5.45
N ILE B 195 16.05 14.02 -5.23
CA ILE B 195 16.86 13.13 -6.06
C ILE B 195 16.45 11.67 -5.98
N VAL B 196 16.19 11.18 -4.77
CA VAL B 196 15.80 9.79 -4.59
C VAL B 196 14.45 9.48 -5.22
N THR B 197 13.45 10.30 -4.92
CA THR B 197 12.10 10.07 -5.40
C THR B 197 11.78 10.47 -6.83
N GLU B 198 12.59 11.35 -7.41
CA GLU B 198 12.35 11.82 -8.77
C GLU B 198 13.37 11.44 -9.82
N ILE B 199 14.56 11.01 -9.42
CA ILE B 199 15.59 10.69 -10.39
C ILE B 199 16.28 9.35 -10.17
N PHE B 200 17.16 9.32 -9.18
CA PHE B 200 17.95 8.13 -8.85
C PHE B 200 17.57 7.57 -7.47
N PRO B 201 16.81 6.47 -7.43
CA PRO B 201 16.25 5.67 -8.52
C PRO B 201 14.87 6.16 -9.01
N GLY B 202 14.39 7.25 -8.43
CA GLY B 202 13.10 7.77 -8.83
C GLY B 202 11.95 6.98 -8.24
N GLY B 203 11.96 6.77 -6.94
CA GLY B 203 10.89 6.03 -6.29
C GLY B 203 10.92 6.21 -4.78
N ARG B 204 9.86 5.77 -4.11
CA ARG B 204 9.78 5.88 -2.66
C ARG B 204 10.31 4.62 -2.01
N LEU B 205 11.39 4.79 -1.28
CA LEU B 205 12.08 3.69 -0.65
C LEU B 205 11.71 3.47 0.80
N PRO B 206 11.79 2.21 1.26
CA PRO B 206 11.48 1.89 2.65
C PRO B 206 12.75 2.26 3.40
N SER B 207 12.64 2.64 4.66
CA SER B 207 13.83 2.99 5.44
C SER B 207 14.04 1.85 6.41
N ILE B 208 15.25 1.71 6.92
CA ILE B 208 15.55 0.64 7.86
C ILE B 208 14.62 0.70 9.09
N PRO B 209 14.39 1.91 9.66
CA PRO B 209 13.49 1.93 10.82
C PRO B 209 12.10 1.41 10.45
N MET B 210 11.62 1.81 9.28
CA MET B 210 10.31 1.39 8.80
C MET B 210 10.19 -0.12 8.77
N VAL B 211 11.16 -0.78 8.14
CA VAL B 211 11.15 -2.23 8.05
C VAL B 211 11.29 -2.85 9.44
N GLN B 212 12.22 -2.34 10.22
CA GLN B 212 12.43 -2.83 11.58
C GLN B 212 11.12 -2.81 12.34
N GLU B 213 10.39 -1.70 12.22
CA GLU B 213 9.10 -1.55 12.91
C GLU B 213 8.06 -2.54 12.40
N CYS B 214 7.98 -2.63 11.08
CA CYS B 214 7.03 -3.52 10.44
C CYS B 214 7.25 -4.99 10.83
N ALA B 215 8.51 -5.40 10.91
CA ALA B 215 8.86 -6.78 11.23
C ALA B 215 8.47 -7.13 12.65
N SER B 216 8.86 -6.29 13.59
CA SER B 216 8.53 -6.49 15.00
C SER B 216 7.01 -6.54 15.16
N ALA B 217 6.33 -5.55 14.59
CA ALA B 217 4.88 -5.47 14.69
C ALA B 217 4.21 -6.76 14.23
N ASN B 218 4.89 -7.55 13.38
CA ASN B 218 4.31 -8.79 12.89
C ASN B 218 4.93 -10.04 13.49
N GLY B 219 5.64 -9.87 14.59
CA GLY B 219 6.21 -11.02 15.28
C GLY B 219 7.60 -11.50 14.90
N PHE B 220 8.23 -10.82 13.96
CA PHE B 220 9.57 -11.22 13.56
C PHE B 220 10.61 -10.48 14.38
N THR B 221 11.80 -11.05 14.42
CA THR B 221 12.94 -10.46 15.11
C THR B 221 13.99 -10.33 14.01
N VAL B 222 14.49 -9.13 13.81
CA VAL B 222 15.51 -8.90 12.80
C VAL B 222 16.87 -9.13 13.45
N THR B 223 17.42 -10.33 13.20
CA THR B 223 18.69 -10.77 13.75
C THR B 223 19.89 -10.27 12.95
N ARG B 224 19.63 -9.64 11.82
CA ARG B 224 20.70 -9.08 11.01
C ARG B 224 20.20 -8.20 9.88
N VAL B 225 20.94 -7.14 9.65
CA VAL B 225 20.67 -6.18 8.60
C VAL B 225 22.03 -6.02 7.94
N GLN B 226 22.21 -6.60 6.75
CA GLN B 226 23.48 -6.51 6.03
C GLN B 226 23.40 -5.55 4.85
N SER B 227 24.31 -4.59 4.81
CA SER B 227 24.33 -3.61 3.74
C SER B 227 25.23 -4.09 2.60
N LEU B 228 24.78 -3.85 1.37
CA LEU B 228 25.52 -4.21 0.15
C LEU B 228 25.76 -2.94 -0.67
N GLN B 229 25.70 -1.80 -0.01
CA GLN B 229 25.88 -0.50 -0.65
C GLN B 229 26.99 -0.38 -1.69
N PRO B 230 28.24 -0.66 -1.29
CA PRO B 230 29.37 -0.58 -2.24
C PRO B 230 29.14 -1.52 -3.42
N HIS B 231 28.52 -2.65 -3.12
CA HIS B 231 28.23 -3.68 -4.10
C HIS B 231 27.26 -3.24 -5.20
N TYR B 232 26.31 -2.38 -4.85
CA TYR B 232 25.35 -1.93 -5.86
C TYR B 232 25.95 -0.92 -6.81
N ALA B 233 26.85 -0.08 -6.29
CA ALA B 233 27.52 0.90 -7.11
C ALA B 233 28.31 0.12 -8.15
N LYS B 234 29.01 -0.93 -7.69
CA LYS B 234 29.80 -1.75 -8.60
C LYS B 234 28.89 -2.47 -9.58
N THR B 235 27.81 -3.05 -9.07
CA THR B 235 26.86 -3.74 -9.93
C THR B 235 26.35 -2.82 -11.05
N LEU B 236 25.82 -1.65 -10.68
CA LEU B 236 25.31 -0.70 -11.67
C LEU B 236 26.39 -0.25 -12.66
N ASP B 237 27.63 -0.15 -12.19
CA ASP B 237 28.73 0.24 -13.06
C ASP B 237 28.92 -0.85 -14.12
N LEU B 238 28.78 -2.10 -13.70
CA LEU B 238 28.93 -3.23 -14.61
C LEU B 238 27.80 -3.26 -15.62
N TRP B 239 26.58 -2.95 -15.19
CA TRP B 239 25.44 -2.92 -16.09
C TRP B 239 25.62 -1.84 -17.16
N SER B 240 25.90 -0.61 -16.72
CA SER B 240 26.09 0.49 -17.67
C SER B 240 27.21 0.19 -18.68
N ALA B 241 28.33 -0.36 -18.20
CA ALA B 241 29.45 -0.67 -19.09
C ALA B 241 29.02 -1.76 -20.07
N ALA B 242 28.26 -2.73 -19.57
CA ALA B 242 27.77 -3.84 -20.36
C ALA B 242 26.82 -3.35 -21.45
N LEU B 243 25.97 -2.40 -21.08
CA LEU B 243 25.02 -1.79 -21.99
C LEU B 243 25.74 -0.94 -23.03
N GLN B 244 26.76 -0.21 -22.59
CA GLN B 244 27.55 0.62 -23.51
C GLN B 244 28.19 -0.29 -24.57
N ALA B 245 28.71 -1.42 -24.14
CA ALA B 245 29.34 -2.36 -25.05
C ALA B 245 28.29 -2.86 -26.05
N ASN B 246 27.02 -2.82 -25.65
CA ASN B 246 25.95 -3.26 -26.54
C ASN B 246 25.11 -2.11 -27.07
N LYS B 247 25.72 -0.95 -27.20
CA LYS B 247 25.02 0.24 -27.69
C LYS B 247 24.35 -0.01 -29.05
N GLY B 248 25.08 -0.63 -29.96
CA GLY B 248 24.52 -0.91 -31.27
C GLY B 248 23.28 -1.76 -31.12
N GLN B 249 23.43 -2.90 -30.44
CA GLN B 249 22.30 -3.79 -30.24
C GLN B 249 21.15 -3.07 -29.55
N ALA B 250 21.48 -2.28 -28.53
CA ALA B 250 20.47 -1.53 -27.77
C ALA B 250 19.64 -0.64 -28.67
N ILE B 251 20.29 0.00 -29.63
CA ILE B 251 19.60 0.88 -30.55
C ILE B 251 18.79 0.07 -31.56
N ALA B 252 19.23 -1.16 -31.84
CA ALA B 252 18.49 -2.01 -32.78
C ALA B 252 17.14 -2.40 -32.17
N LEU B 253 17.13 -2.63 -30.85
CA LEU B 253 15.92 -3.00 -30.12
C LEU B 253 14.99 -1.82 -29.93
N GLN B 254 15.44 -0.88 -29.11
CA GLN B 254 14.65 0.31 -28.81
C GLN B 254 15.13 1.48 -29.66
N SER B 255 15.82 2.42 -29.03
CA SER B 255 16.32 3.61 -29.72
C SER B 255 17.48 4.23 -28.95
N GLU B 256 18.18 5.14 -29.60
CA GLU B 256 19.30 5.81 -28.95
C GLU B 256 18.83 6.59 -27.72
N GLU B 257 17.61 7.09 -27.76
CA GLU B 257 17.05 7.83 -26.62
C GLU B 257 17.04 6.92 -25.40
N VAL B 258 16.26 5.86 -25.49
CA VAL B 258 16.15 4.88 -24.43
C VAL B 258 17.53 4.43 -23.96
N TYR B 259 18.45 4.25 -24.89
CA TYR B 259 19.80 3.84 -24.54
C TYR B 259 20.49 4.90 -23.69
N GLU B 260 20.40 6.15 -24.13
CA GLU B 260 21.01 7.26 -23.40
C GLU B 260 20.31 7.49 -22.06
N ARG B 261 19.00 7.30 -22.06
CA ARG B 261 18.23 7.47 -20.83
C ARG B 261 18.68 6.44 -19.78
N TYR B 262 18.95 5.21 -20.23
CA TYR B 262 19.39 4.17 -19.30
C TYR B 262 20.82 4.34 -18.84
N MET B 263 21.67 4.88 -19.69
CA MET B 263 23.06 5.09 -19.30
C MET B 263 23.13 6.10 -18.15
N LYS B 264 22.34 7.17 -18.26
CA LYS B 264 22.30 8.21 -17.25
C LYS B 264 21.71 7.67 -15.95
N TYR B 265 20.60 6.96 -16.08
CA TYR B 265 19.93 6.41 -14.92
C TYR B 265 20.85 5.42 -14.19
N LEU B 266 21.38 4.44 -14.91
CA LEU B 266 22.27 3.47 -14.30
C LEU B 266 23.49 4.14 -13.65
N THR B 267 24.11 5.05 -14.38
CA THR B 267 25.27 5.76 -13.86
C THR B 267 24.92 6.64 -12.68
N GLY B 268 23.76 7.28 -12.75
CA GLY B 268 23.33 8.15 -11.67
C GLY B 268 23.03 7.37 -10.39
N CYS B 269 22.46 6.19 -10.54
CA CYS B 269 22.14 5.35 -9.41
C CYS B 269 23.41 4.79 -8.79
N ALA B 270 24.37 4.43 -9.63
CA ALA B 270 25.63 3.90 -9.14
C ALA B 270 26.22 4.94 -8.20
N GLU B 271 26.22 6.20 -8.64
CA GLU B 271 26.75 7.30 -7.84
C GLU B 271 25.99 7.50 -6.52
N MET B 272 24.67 7.31 -6.55
CA MET B 272 23.86 7.47 -5.34
C MET B 272 24.29 6.47 -4.26
N PHE B 273 24.62 5.25 -4.66
CA PHE B 273 25.04 4.24 -3.70
C PHE B 273 26.45 4.55 -3.23
N ARG B 274 27.31 4.86 -4.20
CA ARG B 274 28.72 5.17 -3.95
C ARG B 274 28.89 6.32 -2.97
N ILE B 275 28.07 7.35 -3.11
CA ILE B 275 28.13 8.51 -2.24
C ILE B 275 27.29 8.33 -0.97
N GLY B 276 26.66 7.16 -0.84
CA GLY B 276 25.87 6.87 0.33
C GLY B 276 24.47 7.43 0.51
N TYR B 277 23.86 7.97 -0.55
CA TYR B 277 22.51 8.53 -0.44
C TYR B 277 21.37 7.50 -0.42
N ILE B 278 21.66 6.28 -0.87
CA ILE B 278 20.69 5.19 -0.83
C ILE B 278 21.46 3.94 -0.43
N ASP B 279 20.75 2.89 -0.03
CA ASP B 279 21.40 1.67 0.41
C ASP B 279 20.61 0.44 -0.05
N VAL B 280 21.18 -0.72 0.17
CA VAL B 280 20.52 -1.95 -0.18
C VAL B 280 20.82 -2.87 1.00
N ASN B 281 19.76 -3.37 1.63
CA ASN B 281 19.95 -4.20 2.81
C ASN B 281 19.24 -5.54 2.80
N GLN B 282 19.87 -6.51 3.46
CA GLN B 282 19.28 -7.82 3.60
C GLN B 282 18.89 -7.95 5.05
N PHE B 283 17.60 -8.17 5.26
CA PHE B 283 17.02 -8.33 6.59
C PHE B 283 16.69 -9.77 6.90
N THR B 284 17.39 -10.34 7.89
CA THR B 284 17.13 -11.70 8.32
C THR B 284 15.98 -11.60 9.34
N CYS B 285 14.83 -12.16 9.00
CA CYS B 285 13.65 -12.11 9.87
C CYS B 285 13.34 -13.45 10.52
N GLN B 286 13.67 -13.55 11.81
CA GLN B 286 13.49 -14.76 12.59
C GLN B 286 12.14 -14.76 13.28
N LYS B 287 11.35 -15.79 13.04
CA LYS B 287 10.02 -15.89 13.64
C LYS B 287 10.12 -16.55 14.99
#